data_4EIV
#
_entry.id   4EIV
#
_cell.length_a   71.982
_cell.length_b   73.284
_cell.length_c   96.378
_cell.angle_alpha   90.00
_cell.angle_beta   90.00
_cell.angle_gamma   90.00
#
_symmetry.space_group_name_H-M   'P 21 21 21'
#
loop_
_entity.id
_entity.type
_entity.pdbx_description
1 polymer 'Deoxyribose-phosphate aldolase'
2 non-polymer 'CHLORIDE ION'
3 non-polymer BETA-MERCAPTOETHANOL
4 water water
#
_entity_poly.entity_id   1
_entity_poly.type   'polypeptide(L)'
_entity_poly.pdbx_seq_one_letter_code
;MHHHHHHENLYFQGGTIYKQFTSRTLLNFFEVAALTDGETNESVAAVCKIAAKDPAIVGVSVRPAFVRFIRQELVKSAPE
VAGIKVCAAVNFPEGTGTPDTVSLEAVGALKDGADEIECLIDWRRMNENVADGESRIRLLVSEVKKVVGPKTLKVVLSGG
ELQGGDIISRAAVAALEGGADFLQTSSGLGATHATMFTVHLISIALREYMVRENERIRVEGINREGAAVRCIGIKIEVGD
VHMAETADFLMQMIFENGPRSIVRDKFRVGGGFNLLKELRDCYESWDSVGVSPDTSP
;
_entity_poly.pdbx_strand_id   A,B
#
# COMPACT_ATOMS: atom_id res chain seq x y z
N THR A 16 -2.88 -15.10 14.26
CA THR A 16 -3.72 -15.32 13.08
C THR A 16 -3.06 -14.67 11.86
N ILE A 17 -3.60 -15.11 10.60
CA ILE A 17 -3.14 -14.44 9.39
C ILE A 17 -3.48 -12.93 9.38
N TYR A 18 -4.60 -12.56 9.98
CA TYR A 18 -5.07 -11.19 10.02
C TYR A 18 -4.16 -10.30 10.87
N LYS A 19 -3.76 -10.81 12.03
CA LYS A 19 -2.83 -10.07 12.87
C LYS A 19 -1.46 -9.98 12.18
N GLN A 20 -1.04 -11.09 11.56
CA GLN A 20 0.23 -11.11 10.85
C GLN A 20 0.28 -10.10 9.71
N PHE A 21 -0.82 -9.99 8.96
CA PHE A 21 -0.88 -9.03 7.88
C PHE A 21 -0.87 -7.58 8.40
N THR A 22 -1.63 -7.35 9.45
CA THR A 22 -1.70 -6.02 10.06
C THR A 22 -0.34 -5.64 10.60
N SER A 23 0.32 -6.58 11.28
N SER A 23 0.34 -6.57 11.28
CA SER A 23 1.68 -6.32 11.81
CA SER A 23 1.67 -6.26 11.82
C SER A 23 2.65 -5.97 10.69
C SER A 23 2.69 -6.00 10.70
N ARG A 24 2.60 -6.75 9.60
CA ARG A 24 3.51 -6.52 8.47
C ARG A 24 3.29 -5.15 7.84
N THR A 25 2.02 -4.78 7.72
CA THR A 25 1.64 -3.48 7.22
C THR A 25 2.18 -2.37 8.11
N LEU A 26 1.98 -2.49 9.41
CA LEU A 26 2.48 -1.48 10.34
C LEU A 26 4.01 -1.36 10.31
N LEU A 27 4.73 -2.48 10.16
CA LEU A 27 6.20 -2.43 10.09
C LEU A 27 6.62 -1.54 8.92
N ASN A 28 5.88 -1.60 7.81
CA ASN A 28 6.18 -0.82 6.62
C ASN A 28 6.00 0.71 6.82
N PHE A 29 5.29 1.10 7.89
N PHE A 29 5.34 1.14 7.89
CA PHE A 29 5.03 2.50 8.22
CA PHE A 29 5.16 2.57 8.16
C PHE A 29 5.78 2.99 9.47
C PHE A 29 5.81 3.01 9.46
N PHE A 30 6.44 2.08 10.16
CA PHE A 30 6.90 2.38 11.51
C PHE A 30 8.18 3.16 11.64
N GLU A 31 8.15 4.11 12.59
CA GLU A 31 9.33 4.87 12.97
C GLU A 31 9.41 4.77 14.49
N VAL A 32 10.42 4.05 14.98
CA VAL A 32 10.56 3.81 16.40
C VAL A 32 11.29 4.95 17.11
N ALA A 33 10.81 5.30 18.28
CA ALA A 33 11.39 6.36 19.08
C ALA A 33 12.52 5.89 20.01
N ALA A 34 13.60 6.66 20.05
CA ALA A 34 14.66 6.50 21.06
C ALA A 34 15.10 7.95 21.36
N LEU A 35 14.20 8.68 22.03
CA LEU A 35 14.27 10.14 22.20
C LEU A 35 14.47 10.69 23.59
N THR A 36 14.51 9.83 24.61
CA THR A 36 14.65 10.35 25.96
C THR A 36 16.05 10.92 26.18
N ASP A 37 16.16 11.85 27.13
CA ASP A 37 17.46 12.42 27.45
C ASP A 37 18.40 11.35 28.03
N GLY A 38 17.83 10.27 28.57
CA GLY A 38 18.61 9.17 29.13
C GLY A 38 19.13 8.11 28.16
N GLU A 39 18.87 8.25 26.86
CA GLU A 39 19.40 7.28 25.90
C GLU A 39 20.92 7.22 25.97
N THR A 40 21.45 6.05 25.60
CA THR A 40 22.88 5.77 25.53
C THR A 40 23.15 5.08 24.21
N ASN A 41 24.42 4.92 23.86
CA ASN A 41 24.78 4.15 22.66
C ASN A 41 24.14 2.77 22.70
N GLU A 42 24.15 2.17 23.89
CA GLU A 42 23.61 0.83 24.11
C GLU A 42 22.11 0.77 23.88
N SER A 43 21.37 1.74 24.41
CA SER A 43 19.91 1.73 24.24
C SER A 43 19.54 2.01 22.78
N VAL A 44 20.26 2.93 22.15
CA VAL A 44 20.02 3.27 20.76
C VAL A 44 20.35 2.07 19.86
N ALA A 45 21.47 1.39 20.14
CA ALA A 45 21.84 0.22 19.37
C ALA A 45 20.76 -0.86 19.46
N ALA A 46 20.22 -1.08 20.66
CA ALA A 46 19.21 -2.12 20.86
C ALA A 46 17.95 -1.87 20.03
N VAL A 47 17.51 -0.62 20.04
CA VAL A 47 16.33 -0.23 19.27
C VAL A 47 16.60 -0.38 17.77
N CYS A 48 17.77 0.10 17.33
CA CYS A 48 18.13 0.05 15.92
C CYS A 48 18.23 -1.36 15.35
N LYS A 49 18.71 -2.29 16.16
N LYS A 49 18.72 -2.31 16.14
CA LYS A 49 18.84 -3.67 15.71
CA LYS A 49 18.83 -3.68 15.64
C LYS A 49 17.49 -4.31 15.40
C LYS A 49 17.47 -4.28 15.36
N ILE A 50 16.49 -4.05 16.24
CA ILE A 50 15.14 -4.58 16.00
C ILE A 50 14.47 -3.79 14.84
N ALA A 51 14.71 -2.48 14.77
CA ALA A 51 14.20 -1.66 13.67
C ALA A 51 14.70 -2.15 12.30
N ALA A 52 15.99 -2.49 12.23
CA ALA A 52 16.64 -2.84 10.98
C ALA A 52 16.58 -4.30 10.56
N LYS A 53 16.09 -5.17 11.43
CA LYS A 53 15.97 -6.61 11.11
C LYS A 53 15.01 -6.77 9.93
N ASP A 54 15.32 -7.70 9.04
CA ASP A 54 14.52 -7.89 7.84
C ASP A 54 13.13 -8.44 8.20
N PRO A 55 12.04 -7.81 7.73
CA PRO A 55 11.93 -6.60 6.92
C PRO A 55 12.06 -5.35 7.78
N ALA A 56 12.94 -4.45 7.35
CA ALA A 56 13.20 -3.24 8.11
C ALA A 56 12.01 -2.31 8.13
N ILE A 57 11.89 -1.60 9.24
CA ILE A 57 10.88 -0.56 9.36
C ILE A 57 11.39 0.69 8.63
N VAL A 58 10.63 1.78 8.69
CA VAL A 58 11.05 2.98 7.95
C VAL A 58 12.30 3.64 8.57
N GLY A 59 12.28 3.84 9.88
CA GLY A 59 13.35 4.54 10.53
C GLY A 59 13.27 4.62 12.03
N VAL A 60 14.24 5.34 12.58
CA VAL A 60 14.38 5.58 14.00
C VAL A 60 14.46 7.08 14.22
N SER A 61 13.79 7.53 15.28
CA SER A 61 13.82 8.92 15.70
C SER A 61 14.73 9.07 16.90
N VAL A 62 15.76 9.90 16.75
CA VAL A 62 16.68 10.18 17.85
C VAL A 62 16.95 11.67 17.94
N ARG A 63 17.54 12.10 19.06
CA ARG A 63 18.03 13.47 19.17
C ARG A 63 19.29 13.58 18.28
N PRO A 64 19.64 14.80 17.84
CA PRO A 64 20.82 15.00 17.02
C PRO A 64 22.08 14.32 17.59
N ALA A 65 22.20 14.23 18.92
CA ALA A 65 23.39 13.61 19.57
C ALA A 65 23.68 12.16 19.20
N PHE A 66 22.71 11.44 18.65
CA PHE A 66 22.93 10.03 18.27
C PHE A 66 22.94 9.75 16.77
N VAL A 67 22.84 10.78 15.93
CA VAL A 67 22.83 10.58 14.48
C VAL A 67 24.17 9.99 13.99
N ARG A 68 25.28 10.64 14.35
CA ARG A 68 26.60 10.17 13.93
C ARG A 68 26.89 8.78 14.48
N PHE A 69 26.49 8.51 15.71
CA PHE A 69 26.67 7.19 16.30
C PHE A 69 26.07 6.12 15.41
N ILE A 70 24.81 6.31 15.01
CA ILE A 70 24.15 5.33 14.17
C ILE A 70 24.81 5.20 12.78
N ARG A 71 25.07 6.34 12.15
CA ARG A 71 25.57 6.39 10.77
C ARG A 71 27.05 6.08 10.55
N GLN A 72 27.91 6.38 11.52
N GLN A 72 27.84 6.21 11.60
CA GLN A 72 29.35 6.15 11.34
CA GLN A 72 29.28 5.96 11.53
C GLN A 72 29.93 5.02 12.16
C GLN A 72 29.76 4.84 12.47
N GLU A 73 29.34 4.76 13.34
N GLU A 73 29.31 4.79 13.73
CA GLU A 73 29.86 3.77 14.31
CA GLU A 73 29.86 3.78 14.63
C GLU A 73 29.06 2.48 14.46
C GLU A 73 29.09 2.48 14.67
N LEU A 74 27.78 2.57 14.85
CA LEU A 74 26.93 1.37 14.99
C LEU A 74 26.96 0.46 13.76
N VAL A 75 27.00 1.08 12.59
CA VAL A 75 27.01 0.37 11.31
C VAL A 75 28.21 -0.61 11.18
N LYS A 76 29.28 -0.37 11.92
CA LYS A 76 30.45 -1.26 11.92
C LYS A 76 30.14 -2.62 12.55
N SER A 77 29.23 -2.67 13.54
CA SER A 77 28.84 -3.95 14.16
C SER A 77 27.47 -4.43 13.65
N ALA A 78 26.60 -3.50 13.28
CA ALA A 78 25.26 -3.79 12.81
C ALA A 78 25.04 -3.14 11.44
N PRO A 79 25.62 -3.74 10.38
CA PRO A 79 25.55 -3.14 9.03
C PRO A 79 24.12 -2.91 8.50
N GLU A 80 23.16 -3.68 9.01
CA GLU A 80 21.78 -3.56 8.59
C GLU A 80 21.18 -2.20 8.91
N VAL A 81 21.78 -1.48 9.87
CA VAL A 81 21.24 -0.16 10.25
C VAL A 81 21.34 0.87 9.13
N ALA A 82 22.20 0.63 8.14
CA ALA A 82 22.29 1.51 6.98
C ALA A 82 20.96 1.52 6.21
N GLY A 83 20.17 0.47 6.40
CA GLY A 83 18.89 0.30 5.70
C GLY A 83 17.65 0.87 6.33
N ILE A 84 17.80 1.60 7.43
CA ILE A 84 16.68 2.34 8.01
C ILE A 84 17.06 3.81 7.97
N LYS A 85 16.06 4.67 7.93
CA LYS A 85 16.29 6.11 7.95
C LYS A 85 16.53 6.56 9.39
N VAL A 86 17.30 7.63 9.52
CA VAL A 86 17.54 8.29 10.81
C VAL A 86 16.80 9.64 10.73
N CYS A 87 15.82 9.83 11.62
N CYS A 87 15.83 9.80 11.63
CA CYS A 87 15.09 11.08 11.68
CA CYS A 87 15.04 11.02 11.76
C CYS A 87 15.52 11.80 12.96
C CYS A 87 15.56 11.77 12.99
N ALA A 88 16.09 12.98 12.80
CA ALA A 88 16.60 13.77 13.91
C ALA A 88 15.52 14.70 14.47
N ALA A 89 15.29 14.59 15.78
CA ALA A 89 14.27 15.37 16.48
C ALA A 89 14.88 16.70 16.94
N VAL A 90 14.42 17.79 16.35
CA VAL A 90 14.95 19.15 16.64
C VAL A 90 13.90 19.96 17.39
N ASN A 91 14.38 20.88 18.22
CA ASN A 91 13.55 21.69 19.13
C ASN A 91 12.92 20.85 20.25
N PHE A 92 13.49 19.69 20.53
CA PHE A 92 13.03 18.81 21.56
C PHE A 92 13.76 19.10 22.88
N PRO A 93 13.12 18.78 24.01
CA PRO A 93 11.79 18.16 24.15
C PRO A 93 10.66 19.15 24.38
N GLU A 94 10.95 20.44 24.53
CA GLU A 94 9.95 21.43 24.94
C GLU A 94 9.55 22.49 23.93
N GLY A 95 10.20 22.56 22.77
CA GLY A 95 9.80 23.53 21.73
C GLY A 95 10.17 24.96 22.09
N THR A 96 11.24 25.13 22.86
CA THR A 96 11.67 26.41 23.40
C THR A 96 12.79 27.13 22.62
N GLY A 97 13.17 26.58 21.49
CA GLY A 97 14.20 27.21 20.66
C GLY A 97 13.73 28.41 19.85
N THR A 98 14.67 29.02 19.14
CA THR A 98 14.38 30.09 18.19
C THR A 98 14.55 29.46 16.80
N PRO A 99 14.04 30.15 15.76
CA PRO A 99 14.27 29.63 14.42
C PRO A 99 15.76 29.38 14.17
N ASP A 100 16.65 30.27 14.65
CA ASP A 100 18.07 30.05 14.44
C ASP A 100 18.67 28.89 15.22
N THR A 101 18.28 28.71 16.49
CA THR A 101 18.86 27.62 17.27
C THR A 101 18.38 26.28 16.71
N VAL A 102 17.12 26.21 16.29
CA VAL A 102 16.59 24.97 15.74
C VAL A 102 17.20 24.69 14.37
N SER A 103 17.38 25.71 13.56
CA SER A 103 18.05 25.52 12.29
C SER A 103 19.46 24.96 12.49
N LEU A 104 20.18 25.43 13.51
N LEU A 104 20.16 25.42 13.52
CA LEU A 104 21.53 24.93 13.79
CA LEU A 104 21.50 24.91 13.81
C LEU A 104 21.53 23.44 14.17
C LEU A 104 21.46 23.41 14.08
N GLU A 105 20.53 23.00 14.94
CA GLU A 105 20.39 21.57 15.26
C GLU A 105 20.18 20.75 13.98
N ALA A 106 19.28 21.24 13.12
CA ALA A 106 18.96 20.56 11.86
C ALA A 106 20.17 20.46 10.94
N VAL A 107 20.89 21.56 10.79
CA VAL A 107 22.07 21.57 9.93
C VAL A 107 23.07 20.51 10.38
N GLY A 108 23.33 20.45 11.68
CA GLY A 108 24.29 19.48 12.22
C GLY A 108 23.82 18.05 12.08
N ALA A 109 22.53 17.82 12.28
CA ALA A 109 21.97 16.49 12.16
C ALA A 109 22.11 15.98 10.73
N LEU A 110 21.82 16.86 9.77
CA LEU A 110 21.91 16.51 8.35
C LEU A 110 23.38 16.22 7.98
N LYS A 111 24.30 17.02 8.52
CA LYS A 111 25.74 16.80 8.29
C LYS A 111 26.15 15.42 8.79
N ASP A 112 25.64 15.05 9.97
CA ASP A 112 25.94 13.78 10.62
C ASP A 112 25.28 12.56 9.97
N GLY A 113 24.44 12.77 8.96
CA GLY A 113 23.79 11.67 8.21
C GLY A 113 22.28 11.49 8.36
N ALA A 114 21.59 12.42 9.02
CA ALA A 114 20.13 12.29 9.18
C ALA A 114 19.43 12.35 7.84
N ASP A 115 18.38 11.55 7.68
CA ASP A 115 17.61 11.51 6.45
C ASP A 115 16.38 12.42 6.49
N GLU A 116 15.86 12.63 7.69
N GLU A 116 15.88 12.66 7.70
CA GLU A 116 14.66 13.48 7.87
CA GLU A 116 14.67 13.46 7.90
C GLU A 116 14.83 14.27 9.15
C GLU A 116 14.83 14.26 9.16
N ILE A 117 14.02 15.32 9.29
CA ILE A 117 14.02 16.17 10.46
C ILE A 117 12.59 16.20 11.03
N GLU A 118 12.48 16.07 12.34
N GLU A 118 12.45 15.99 12.32
CA GLU A 118 11.19 16.14 13.05
CA GLU A 118 11.14 16.17 12.98
C GLU A 118 11.26 17.31 14.02
C GLU A 118 11.35 17.36 13.89
N CYS A 119 10.53 18.39 13.69
CA CYS A 119 10.63 19.65 14.42
C CYS A 119 9.42 19.90 15.32
N LEU A 120 9.66 20.02 16.61
CA LEU A 120 8.58 20.35 17.55
C LEU A 120 8.35 21.85 17.51
N ILE A 121 7.07 22.24 17.53
CA ILE A 121 6.69 23.64 17.61
C ILE A 121 6.67 24.14 19.05
N ASP A 122 6.60 25.47 19.21
CA ASP A 122 6.42 26.08 20.53
C ASP A 122 4.92 26.07 20.76
N TRP A 123 4.42 24.90 21.17
CA TRP A 123 2.97 24.68 21.29
C TRP A 123 2.36 25.53 22.40
N ARG A 124 3.15 25.89 23.39
CA ARG A 124 2.64 26.70 24.49
C ARG A 124 2.14 28.05 24.01
N ARG A 125 2.77 28.58 22.96
CA ARG A 125 2.39 29.90 22.49
C ARG A 125 0.96 30.00 22.02
N MET A 126 0.42 28.90 21.52
CA MET A 126 -0.97 28.84 21.08
C MET A 126 -1.96 29.07 22.23
N ASN A 127 -1.55 28.72 23.44
CA ASN A 127 -2.39 28.93 24.60
C ASN A 127 -2.46 30.40 25.04
N GLU A 128 -1.40 31.16 24.78
N GLU A 128 -1.39 31.15 24.75
CA GLU A 128 -1.39 32.57 25.21
CA GLU A 128 -1.31 32.55 25.16
C GLU A 128 -1.97 33.54 24.17
C GLU A 128 -1.98 33.49 24.17
N ASN A 129 -1.66 33.33 22.89
CA ASN A 129 -2.21 34.18 21.82
C ASN A 129 -2.14 33.39 20.53
N VAL A 130 -3.31 33.09 19.95
CA VAL A 130 -3.35 32.23 18.77
C VAL A 130 -2.63 32.82 17.56
N ALA A 131 -2.86 34.09 17.27
CA ALA A 131 -2.19 34.74 16.13
C ALA A 131 -0.68 34.73 16.26
N ASP A 132 -0.19 35.08 17.44
CA ASP A 132 1.24 35.06 17.69
C ASP A 132 1.80 33.63 17.59
N GLY A 133 1.09 32.67 18.16
CA GLY A 133 1.52 31.28 18.09
C GLY A 133 1.63 30.78 16.66
N GLU A 134 0.65 31.15 15.84
CA GLU A 134 0.69 30.81 14.41
C GLU A 134 1.89 31.45 13.72
N SER A 135 2.13 32.72 14.02
N SER A 135 2.13 32.72 14.02
CA SER A 135 3.24 33.43 13.41
CA SER A 135 3.24 33.44 13.40
C SER A 135 4.57 32.74 13.75
C SER A 135 4.58 32.78 13.77
N ARG A 136 4.73 32.37 15.03
CA ARG A 136 5.96 31.73 15.45
C ARG A 136 6.13 30.39 14.72
N ILE A 137 5.04 29.64 14.56
CA ILE A 137 5.15 28.35 13.83
C ILE A 137 5.61 28.58 12.39
N ARG A 138 4.98 29.51 11.71
N ARG A 138 5.01 29.53 11.72
CA ARG A 138 5.29 29.75 10.31
CA ARG A 138 5.38 29.79 10.33
C ARG A 138 6.74 30.12 10.07
C ARG A 138 6.86 30.13 10.23
N LEU A 139 7.32 30.89 11.00
N LEU A 139 7.32 31.05 11.06
CA LEU A 139 8.71 31.32 10.87
CA LEU A 139 8.72 31.45 11.08
C LEU A 139 9.69 30.23 11.29
C LEU A 139 9.63 30.24 11.27
N LEU A 140 9.35 29.48 12.34
CA LEU A 140 10.18 28.33 12.72
C LEU A 140 10.26 27.34 11.56
N VAL A 141 9.09 26.93 11.08
CA VAL A 141 9.00 25.89 10.06
C VAL A 141 9.65 26.34 8.76
N SER A 142 9.37 27.58 8.33
N SER A 142 9.38 27.58 8.34
CA SER A 142 9.97 28.09 7.10
CA SER A 142 9.97 28.05 7.07
C SER A 142 11.49 28.10 7.16
C SER A 142 11.50 28.18 7.12
N GLU A 143 12.04 28.62 8.26
CA GLU A 143 13.47 28.70 8.46
C GLU A 143 14.14 27.34 8.49
N VAL A 144 13.52 26.39 9.19
CA VAL A 144 14.07 25.04 9.23
C VAL A 144 13.99 24.40 7.84
N LYS A 145 12.87 24.59 7.15
CA LYS A 145 12.73 24.01 5.78
C LYS A 145 13.82 24.48 4.83
N LYS A 146 14.28 25.72 4.99
CA LYS A 146 15.35 26.26 4.16
C LYS A 146 16.63 25.43 4.27
N VAL A 147 16.94 24.95 5.47
CA VAL A 147 18.16 24.17 5.68
C VAL A 147 17.99 22.69 5.38
N VAL A 148 16.77 22.17 5.49
CA VAL A 148 16.54 20.76 5.16
C VAL A 148 16.54 20.55 3.65
N GLY A 149 16.17 21.59 2.90
CA GLY A 149 16.18 21.50 1.44
C GLY A 149 15.16 20.47 1.00
N PRO A 150 15.54 19.57 0.07
CA PRO A 150 14.59 18.58 -0.42
C PRO A 150 14.28 17.41 0.53
N LYS A 151 15.03 17.29 1.61
CA LYS A 151 14.74 16.24 2.59
C LYS A 151 13.42 16.52 3.31
N THR A 152 12.88 15.49 3.95
CA THR A 152 11.58 15.60 4.58
C THR A 152 11.65 16.27 5.94
N LEU A 153 10.78 17.28 6.09
CA LEU A 153 10.58 17.98 7.37
C LEU A 153 9.20 17.63 7.92
N LYS A 154 9.17 16.91 9.03
CA LYS A 154 7.95 16.63 9.75
C LYS A 154 7.82 17.69 10.84
N VAL A 155 6.62 18.25 11.01
CA VAL A 155 6.38 19.23 12.06
C VAL A 155 5.47 18.57 13.11
N VAL A 156 5.94 18.56 14.36
CA VAL A 156 5.30 17.91 15.48
C VAL A 156 4.43 18.97 16.14
N LEU A 157 3.12 18.71 16.18
CA LEU A 157 2.16 19.72 16.59
C LEU A 157 1.83 19.77 18.09
N SER A 158 2.26 18.77 18.83
N SER A 158 2.20 18.73 18.82
CA SER A 158 1.95 18.69 20.26
CA SER A 158 1.93 18.63 20.25
C SER A 158 3.11 18.07 21.00
C SER A 158 3.14 18.10 20.98
N GLY A 159 3.33 18.57 22.21
CA GLY A 159 4.36 18.05 23.12
C GLY A 159 3.71 17.28 24.29
N GLY A 160 2.50 16.75 24.10
CA GLY A 160 1.87 15.92 25.13
C GLY A 160 0.80 16.54 25.99
N GLU A 161 0.61 17.85 25.91
CA GLU A 161 -0.46 18.50 26.68
C GLU A 161 -1.70 18.68 25.82
N LEU A 162 -2.85 18.42 26.45
CA LEU A 162 -4.16 18.51 25.77
C LEU A 162 -4.53 19.97 25.44
N GLN A 163 -4.71 20.25 24.15
N GLN A 163 -4.67 20.26 24.14
CA GLN A 163 -5.13 21.56 23.67
CA GLN A 163 -5.11 21.57 23.65
C GLN A 163 -6.42 21.44 22.86
C GLN A 163 -6.44 21.42 22.92
N GLY A 164 -7.19 22.53 22.84
CA GLY A 164 -8.47 22.56 22.13
C GLY A 164 -8.34 22.33 20.62
N GLY A 165 -9.47 21.94 20.03
CA GLY A 165 -9.52 21.64 18.63
C GLY A 165 -9.18 22.82 17.75
N ASP A 166 -9.63 24.02 18.12
CA ASP A 166 -9.30 25.21 17.34
C ASP A 166 -7.79 25.37 17.26
N ILE A 167 -7.09 25.12 18.38
CA ILE A 167 -5.63 25.23 18.45
C ILE A 167 -4.94 24.21 17.58
N ILE A 168 -5.34 22.96 17.67
CA ILE A 168 -4.74 21.88 16.88
C ILE A 168 -4.90 22.21 15.41
N SER A 169 -6.11 22.60 15.03
CA SER A 169 -6.37 22.91 13.64
C SER A 169 -5.52 24.08 13.17
N ARG A 170 -5.45 25.14 13.98
CA ARG A 170 -4.65 26.30 13.58
C ARG A 170 -3.15 26.02 13.55
N ALA A 171 -2.66 25.21 14.48
CA ALA A 171 -1.24 24.83 14.47
C ALA A 171 -0.92 24.04 13.19
N ALA A 172 -1.83 23.12 12.82
CA ALA A 172 -1.67 22.33 11.60
C ALA A 172 -1.58 23.22 10.37
N VAL A 173 -2.52 24.17 10.25
CA VAL A 173 -2.51 25.06 9.07
C VAL A 173 -1.25 25.92 9.06
N ALA A 174 -0.86 26.45 10.20
CA ALA A 174 0.36 27.27 10.25
C ALA A 174 1.60 26.46 9.84
N ALA A 175 1.67 25.21 10.25
CA ALA A 175 2.80 24.33 9.91
C ALA A 175 2.81 24.05 8.41
N LEU A 176 1.63 23.84 7.82
CA LEU A 176 1.51 23.65 6.39
C LEU A 176 1.97 24.91 5.64
N GLU A 177 1.48 26.08 6.07
CA GLU A 177 1.87 27.34 5.43
C GLU A 177 3.37 27.59 5.55
N GLY A 178 3.96 27.14 6.66
CA GLY A 178 5.38 27.28 6.87
C GLY A 178 6.24 26.37 5.99
N GLY A 179 5.64 25.36 5.37
CA GLY A 179 6.37 24.43 4.51
C GLY A 179 6.53 23.00 5.01
N ALA A 180 5.75 22.57 6.00
CA ALA A 180 5.83 21.19 6.46
C ALA A 180 5.65 20.19 5.31
N ASP A 181 6.47 19.14 5.29
CA ASP A 181 6.26 18.00 4.41
C ASP A 181 5.36 16.91 5.01
N PHE A 182 5.27 16.87 6.35
CA PHE A 182 4.48 15.93 7.13
C PHE A 182 3.97 16.67 8.36
N LEU A 183 2.77 16.31 8.80
CA LEU A 183 2.23 16.73 10.09
C LEU A 183 2.24 15.52 11.01
N GLN A 184 2.95 15.66 12.14
CA GLN A 184 3.08 14.63 13.12
C GLN A 184 2.24 15.05 14.31
N THR A 185 1.44 14.13 14.81
CA THR A 185 0.49 14.45 15.87
C THR A 185 1.13 14.95 17.15
N SER A 186 2.21 14.32 17.55
CA SER A 186 2.67 14.42 18.95
C SER A 186 4.09 13.92 19.05
N SER A 187 4.76 14.38 20.10
N SER A 187 4.71 14.23 20.18
CA SER A 187 6.18 14.16 20.32
CA SER A 187 6.06 13.78 20.42
C SER A 187 6.68 12.76 20.68
C SER A 187 5.98 12.53 21.32
N GLY A 188 5.88 12.03 21.46
N GLY A 188 6.87 11.58 21.03
CA GLY A 188 6.31 10.74 21.98
CA GLY A 188 6.93 10.36 21.80
C GLY A 188 6.80 10.86 23.42
C GLY A 188 7.35 10.59 23.24
N LEU A 189 7.51 11.94 23.70
N LEU A 189 7.57 11.83 23.65
CA LEU A 189 7.98 12.18 25.05
CA LEU A 189 7.96 12.10 25.03
C LEU A 189 6.89 12.83 25.90
C LEU A 189 6.83 12.66 25.90
N GLY A 190 5.80 13.23 25.24
CA GLY A 190 4.68 13.84 25.90
C GLY A 190 3.78 12.87 26.65
N ALA A 191 2.89 13.40 27.48
CA ALA A 191 1.95 12.60 28.27
C ALA A 191 0.75 12.09 27.45
N THR A 192 0.43 12.79 26.36
CA THR A 192 -0.66 12.37 25.50
C THR A 192 -0.12 12.26 24.05
N HIS A 193 -0.85 11.53 23.24
CA HIS A 193 -0.43 11.16 21.90
C HIS A 193 -1.60 11.26 20.96
N ALA A 194 -1.50 10.64 19.80
CA ALA A 194 -2.58 10.71 18.84
C ALA A 194 -3.86 10.16 19.40
N THR A 195 -4.97 10.81 19.02
CA THR A 195 -6.30 10.27 19.29
C THR A 195 -7.09 10.33 18.00
N MET A 196 -8.20 9.60 17.96
CA MET A 196 -9.10 9.66 16.82
C MET A 196 -9.46 11.14 16.54
N PHE A 197 -9.73 11.88 17.61
CA PHE A 197 -10.10 13.29 17.51
C PHE A 197 -9.02 14.11 16.84
N THR A 198 -7.77 14.00 17.32
CA THR A 198 -6.72 14.81 16.70
C THR A 198 -6.40 14.37 15.28
N VAL A 199 -6.44 13.08 15.01
CA VAL A 199 -6.18 12.62 13.63
C VAL A 199 -7.27 13.16 12.69
N HIS A 200 -8.51 13.20 13.15
CA HIS A 200 -9.59 13.74 12.33
C HIS A 200 -9.36 15.23 11.99
N LEU A 201 -8.98 16.02 13.00
CA LEU A 201 -8.70 17.43 12.76
C LEU A 201 -7.54 17.67 11.83
N ILE A 202 -6.48 16.92 12.02
CA ILE A 202 -5.31 17.04 11.17
C ILE A 202 -5.68 16.67 9.72
N SER A 203 -6.45 15.60 9.55
CA SER A 203 -6.88 15.17 8.24
C SER A 203 -7.70 16.23 7.52
N ILE A 204 -8.61 16.89 8.25
CA ILE A 204 -9.40 17.97 7.66
C ILE A 204 -8.49 19.11 7.21
N ALA A 205 -7.56 19.50 8.08
CA ALA A 205 -6.64 20.58 7.76
C ALA A 205 -5.85 20.29 6.49
N LEU A 206 -5.32 19.09 6.40
CA LEU A 206 -4.55 18.73 5.22
C LEU A 206 -5.41 18.68 3.96
N ARG A 207 -6.63 18.13 4.06
CA ARG A 207 -7.56 18.05 2.93
C ARG A 207 -7.84 19.45 2.39
N GLU A 208 -8.15 20.37 3.29
CA GLU A 208 -8.47 21.73 2.90
C GLU A 208 -7.28 22.48 2.37
N TYR A 209 -6.10 22.21 2.92
CA TYR A 209 -4.89 22.86 2.44
C TYR A 209 -4.59 22.43 0.99
N MET A 210 -4.82 21.15 0.70
CA MET A 210 -4.58 20.64 -0.66
C MET A 210 -5.52 21.20 -1.72
N VAL A 211 -6.75 21.55 -1.34
CA VAL A 211 -7.68 22.17 -2.30
C VAL A 211 -7.44 23.68 -2.28
N ARG A 230 1.73 20.32 -3.30
CA ARG A 230 2.82 19.40 -3.00
C ARG A 230 2.33 18.24 -2.14
N CYS A 231 3.12 17.17 -2.10
CA CYS A 231 2.79 15.95 -1.35
C CYS A 231 3.03 16.21 0.12
N ILE A 232 2.01 15.97 0.95
CA ILE A 232 2.13 16.16 2.40
C ILE A 232 1.60 14.95 3.15
N GLY A 233 2.39 14.45 4.07
CA GLY A 233 2.01 13.28 4.80
C GLY A 233 1.51 13.52 6.20
N ILE A 234 0.94 12.47 6.78
N ILE A 234 1.00 12.44 6.76
CA ILE A 234 0.53 12.49 8.19
CA ILE A 234 0.49 12.38 8.11
C ILE A 234 1.25 11.36 8.92
C ILE A 234 1.27 11.33 8.91
N LYS A 235 1.80 11.71 10.07
CA LYS A 235 2.44 10.76 10.98
C LYS A 235 1.63 10.69 12.27
N ILE A 236 1.12 9.51 12.58
CA ILE A 236 0.32 9.25 13.76
C ILE A 236 1.28 8.68 14.80
N GLU A 237 1.58 9.48 15.81
CA GLU A 237 2.49 9.10 16.91
C GLU A 237 1.62 8.58 18.05
N VAL A 238 1.78 7.30 18.39
CA VAL A 238 0.86 6.61 19.28
C VAL A 238 1.38 6.32 20.65
N GLY A 239 2.57 6.81 20.97
CA GLY A 239 3.08 6.62 22.31
C GLY A 239 3.43 5.17 22.55
N ASP A 240 2.91 4.64 23.67
CA ASP A 240 3.21 3.27 24.10
C ASP A 240 2.02 2.33 24.04
N VAL A 241 1.03 2.64 23.21
CA VAL A 241 -0.11 1.75 23.02
C VAL A 241 0.28 0.45 22.32
N HIS A 242 -0.63 -0.52 22.38
CA HIS A 242 -0.43 -1.83 21.74
C HIS A 242 -0.89 -1.87 20.28
N MET A 243 -0.60 -3.00 19.63
CA MET A 243 -0.97 -3.16 18.23
C MET A 243 -2.46 -2.97 17.93
N ALA A 244 -3.34 -3.44 18.79
CA ALA A 244 -4.78 -3.30 18.52
C ALA A 244 -5.23 -1.85 18.40
N GLU A 245 -4.77 -1.01 19.31
CA GLU A 245 -5.09 0.41 19.28
C GLU A 245 -4.50 1.05 18.03
N THR A 246 -3.31 0.61 17.65
CA THR A 246 -2.66 1.17 16.49
C THR A 246 -3.48 0.83 15.20
N ALA A 247 -4.05 -0.39 15.16
CA ALA A 247 -4.88 -0.85 14.03
C ALA A 247 -6.12 0.02 13.79
N ASP A 248 -6.69 0.56 14.85
CA ASP A 248 -7.85 1.44 14.72
C ASP A 248 -7.49 2.63 13.81
N PHE A 249 -6.29 3.14 13.96
CA PHE A 249 -5.86 4.26 13.13
C PHE A 249 -5.79 3.92 11.64
N LEU A 250 -5.42 2.69 11.28
CA LEU A 250 -5.40 2.30 9.85
C LEU A 250 -6.79 2.42 9.25
N MET A 251 -7.79 1.92 9.96
CA MET A 251 -9.17 2.00 9.49
C MET A 251 -9.66 3.44 9.41
N GLN A 252 -9.31 4.25 10.41
CA GLN A 252 -9.66 5.67 10.37
C GLN A 252 -9.05 6.36 9.15
N MET A 253 -7.77 6.09 8.88
CA MET A 253 -7.12 6.68 7.73
C MET A 253 -7.79 6.28 6.42
N ILE A 254 -8.11 4.98 6.25
CA ILE A 254 -8.76 4.55 5.00
C ILE A 254 -10.11 5.23 4.82
N PHE A 255 -10.91 5.25 5.89
CA PHE A 255 -12.24 5.82 5.82
C PHE A 255 -12.21 7.32 5.55
N GLU A 256 -11.36 8.05 6.27
CA GLU A 256 -11.33 9.51 6.12
C GLU A 256 -10.50 10.01 4.95
N ASN A 257 -9.37 9.36 4.71
CA ASN A 257 -8.42 9.83 3.70
C ASN A 257 -8.25 8.94 2.48
N GLY A 258 -8.91 7.79 2.46
CA GLY A 258 -8.87 6.89 1.33
C GLY A 258 -7.81 5.81 1.43
N PRO A 259 -8.01 4.69 0.71
CA PRO A 259 -7.03 3.62 0.75
C PRO A 259 -5.65 4.02 0.28
N ARG A 260 -5.57 4.96 -0.64
CA ARG A 260 -4.29 5.43 -1.14
C ARG A 260 -3.51 6.28 -0.14
N SER A 261 -4.13 6.65 0.98
CA SER A 261 -3.43 7.48 1.98
C SER A 261 -2.46 6.70 2.84
N ILE A 262 -2.60 5.37 2.90
CA ILE A 262 -1.70 4.60 3.77
C ILE A 262 -0.63 3.92 2.92
N VAL A 263 0.27 4.76 2.45
CA VAL A 263 1.48 4.36 1.73
C VAL A 263 2.64 5.09 2.40
N ARG A 264 3.79 4.41 2.44
CA ARG A 264 4.94 4.89 3.19
C ARG A 264 5.35 6.31 2.85
N ASP A 265 5.21 6.70 1.58
N ASP A 265 5.19 6.72 1.60
CA ASP A 265 5.57 8.05 1.16
CA ASP A 265 5.60 8.05 1.18
C ASP A 265 4.80 9.16 1.86
C ASP A 265 4.71 9.20 1.69
N LYS A 266 3.58 8.88 2.32
CA LYS A 266 2.69 9.89 2.91
C LYS A 266 2.06 9.50 4.25
N PHE A 267 2.54 8.43 4.85
CA PHE A 267 1.99 7.93 6.11
C PHE A 267 3.06 7.27 6.92
N ARG A 268 3.09 7.58 8.22
CA ARG A 268 4.02 6.95 9.14
C ARG A 268 3.30 6.74 10.47
N VAL A 269 3.75 5.74 11.21
CA VAL A 269 3.29 5.50 12.54
C VAL A 269 4.52 5.59 13.43
N GLY A 270 4.50 6.50 14.40
CA GLY A 270 5.57 6.62 15.40
C GLY A 270 5.16 5.91 16.67
N GLY A 271 6.05 5.09 17.19
CA GLY A 271 5.74 4.41 18.43
C GLY A 271 6.98 3.93 19.16
N GLY A 272 6.76 3.29 20.29
CA GLY A 272 7.84 2.83 21.14
C GLY A 272 8.42 1.49 20.79
N PHE A 273 9.50 1.19 21.49
CA PHE A 273 10.25 -0.05 21.32
C PHE A 273 9.41 -1.28 21.62
N ASN A 274 8.63 -1.24 22.71
CA ASN A 274 7.76 -2.38 23.04
C ASN A 274 6.74 -2.66 21.92
N LEU A 275 6.19 -1.59 21.32
CA LEU A 275 5.24 -1.79 20.21
C LEU A 275 5.97 -2.40 19.01
N LEU A 276 7.15 -1.88 18.69
CA LEU A 276 7.95 -2.45 17.61
C LEU A 276 8.17 -3.95 17.80
N LYS A 277 8.54 -4.34 19.02
CA LYS A 277 8.76 -5.75 19.31
C LYS A 277 7.46 -6.57 19.19
N GLU A 278 6.32 -6.01 19.60
CA GLU A 278 5.05 -6.69 19.45
C GLU A 278 4.76 -6.93 17.97
N LEU A 279 5.02 -5.93 17.14
CA LEU A 279 4.75 -6.04 15.71
C LEU A 279 5.65 -7.11 15.09
N ARG A 280 6.94 -7.04 15.39
CA ARG A 280 7.90 -7.95 14.79
C ARG A 280 7.66 -9.39 15.25
N ASP A 281 7.36 -9.58 16.53
CA ASP A 281 7.05 -10.91 17.04
C ASP A 281 5.85 -11.51 16.32
N CYS A 282 4.84 -10.68 16.07
N CYS A 282 4.82 -10.70 16.07
CA CYS A 282 3.63 -11.12 15.39
CA CYS A 282 3.65 -11.17 15.38
C CYS A 282 3.96 -11.53 13.96
C CYS A 282 3.98 -11.56 13.95
N TYR A 283 4.63 -10.67 13.22
CA TYR A 283 4.99 -10.96 11.85
C TYR A 283 5.84 -12.21 11.71
N GLU A 284 6.80 -12.38 12.61
CA GLU A 284 7.70 -13.52 12.57
C GLU A 284 7.00 -14.86 12.80
N SER A 285 5.77 -14.85 13.28
CA SER A 285 5.01 -16.09 13.44
C SER A 285 4.41 -16.59 12.10
N TRP A 286 4.42 -15.76 11.06
CA TRP A 286 3.92 -16.17 9.75
C TRP A 286 4.94 -17.09 9.04
N ASP A 287 4.47 -18.17 8.45
CA ASP A 287 5.33 -19.15 7.74
C ASP A 287 5.47 -18.74 6.26
N SER A 288 6.67 -18.31 5.88
CA SER A 288 6.96 -17.89 4.51
C SER A 288 7.27 -19.04 3.57
N VAL A 289 7.57 -20.22 4.13
CA VAL A 289 7.98 -21.37 3.35
C VAL A 289 6.78 -22.09 2.73
N THR B 16 -13.10 -8.97 14.39
CA THR B 16 -11.99 -8.19 14.96
C THR B 16 -11.65 -7.06 14.02
N ILE B 17 -10.76 -6.03 14.68
CA ILE B 17 -10.19 -4.97 13.88
C ILE B 17 -9.26 -5.51 12.79
N TYR B 18 -8.56 -6.60 13.08
CA TYR B 18 -7.61 -7.16 12.13
C TYR B 18 -8.29 -7.77 10.93
N LYS B 19 -9.40 -8.46 11.16
CA LYS B 19 -10.18 -9.03 10.07
C LYS B 19 -10.82 -7.90 9.25
N GLN B 20 -11.32 -6.88 9.93
CA GLN B 20 -11.92 -5.74 9.26
C GLN B 20 -10.91 -5.01 8.37
N PHE B 21 -9.69 -4.79 8.88
CA PHE B 21 -8.66 -4.15 8.08
C PHE B 21 -8.26 -5.01 6.87
N THR B 22 -8.12 -6.32 7.09
CA THR B 22 -7.72 -7.23 5.99
C THR B 22 -8.80 -7.26 4.91
N SER B 23 -10.06 -7.35 5.34
N SER B 23 -10.06 -7.36 5.33
CA SER B 23 -11.19 -7.34 4.42
CA SER B 23 -11.17 -7.39 4.36
C SER B 23 -11.22 -6.07 3.58
C SER B 23 -11.25 -6.07 3.58
N ARG B 24 -11.05 -4.93 4.25
CA ARG B 24 -11.07 -3.64 3.57
C ARG B 24 -9.96 -3.52 2.55
N THR B 25 -8.77 -4.03 2.92
CA THR B 25 -7.63 -4.04 2.01
C THR B 25 -7.91 -4.93 0.80
N LEU B 26 -8.45 -6.13 1.04
CA LEU B 26 -8.77 -7.05 -0.06
C LEU B 26 -9.80 -6.45 -1.01
N LEU B 27 -10.81 -5.76 -0.49
CA LEU B 27 -11.82 -5.10 -1.34
C LEU B 27 -11.15 -4.11 -2.28
N ASN B 28 -10.12 -3.40 -1.82
CA ASN B 28 -9.43 -2.42 -2.65
C ASN B 28 -8.72 -3.03 -3.87
N PHE B 29 -8.47 -4.33 -3.86
CA PHE B 29 -7.77 -4.99 -4.97
C PHE B 29 -8.59 -6.05 -5.67
N PHE B 30 -9.86 -6.18 -5.29
CA PHE B 30 -10.64 -7.34 -5.71
C PHE B 30 -11.27 -7.17 -7.08
N GLU B 31 -11.29 -8.28 -7.81
CA GLU B 31 -11.92 -8.41 -9.12
C GLU B 31 -12.76 -9.68 -9.06
N VAL B 32 -14.06 -9.52 -9.24
CA VAL B 32 -14.97 -10.65 -9.09
C VAL B 32 -15.27 -11.23 -10.47
N ALA B 33 -15.33 -12.55 -10.55
CA ALA B 33 -15.61 -13.24 -11.80
C ALA B 33 -17.09 -13.60 -11.96
N ALA B 34 -17.57 -13.43 -13.19
CA ALA B 34 -18.88 -13.91 -13.60
C ALA B 34 -18.69 -14.51 -15.00
N LEU B 35 -17.99 -15.64 -15.05
CA LEU B 35 -17.45 -16.23 -16.28
C LEU B 35 -17.95 -17.61 -16.66
N THR B 36 -18.84 -18.19 -15.87
CA THR B 36 -19.29 -19.56 -16.12
C THR B 36 -20.13 -19.70 -17.37
N ASP B 37 -20.19 -20.94 -17.85
CA ASP B 37 -20.95 -21.23 -19.06
C ASP B 37 -22.40 -20.79 -18.94
N GLY B 38 -22.97 -20.92 -17.75
CA GLY B 38 -24.38 -20.62 -17.53
C GLY B 38 -24.76 -19.23 -17.11
N GLU B 39 -23.85 -18.26 -17.24
CA GLU B 39 -24.22 -16.90 -16.85
C GLU B 39 -25.37 -16.37 -17.71
N THR B 40 -26.18 -15.50 -17.10
CA THR B 40 -27.27 -14.80 -17.75
C THR B 40 -27.08 -13.32 -17.46
N ASN B 41 -27.83 -12.45 -18.13
CA ASN B 41 -27.73 -11.04 -17.77
C ASN B 41 -28.10 -10.85 -16.31
N GLU B 42 -29.10 -11.59 -15.83
CA GLU B 42 -29.53 -11.51 -14.43
C GLU B 42 -28.41 -11.89 -13.46
N SER B 43 -27.70 -12.98 -13.73
CA SER B 43 -26.64 -13.41 -12.82
C SER B 43 -25.46 -12.43 -12.85
N VAL B 44 -25.12 -11.97 -14.04
CA VAL B 44 -24.08 -10.94 -14.20
C VAL B 44 -24.45 -9.66 -13.44
N ALA B 45 -25.70 -9.22 -13.57
CA ALA B 45 -26.16 -8.02 -12.88
C ALA B 45 -26.01 -8.15 -11.37
N ALA B 46 -26.37 -9.32 -10.81
CA ALA B 46 -26.29 -9.49 -9.37
C ALA B 46 -24.85 -9.35 -8.88
N VAL B 47 -23.92 -9.94 -9.62
CA VAL B 47 -22.50 -9.85 -9.29
C VAL B 47 -22.02 -8.40 -9.38
N CYS B 48 -22.37 -7.72 -10.47
CA CYS B 48 -21.95 -6.32 -10.64
C CYS B 48 -22.47 -5.41 -9.53
N LYS B 49 -23.70 -5.65 -9.08
CA LYS B 49 -24.27 -4.81 -8.02
C LYS B 49 -23.48 -4.88 -6.72
N ILE B 50 -23.10 -6.09 -6.33
N ILE B 50 -23.11 -6.08 -6.31
CA ILE B 50 -22.31 -6.28 -5.10
CA ILE B 50 -22.31 -6.22 -5.10
C ILE B 50 -20.87 -5.75 -5.30
C ILE B 50 -20.90 -5.66 -5.32
N ALA B 51 -20.34 -5.87 -6.51
CA ALA B 51 -19.03 -5.32 -6.84
C ALA B 51 -19.01 -3.80 -6.70
N ALA B 52 -20.11 -3.16 -7.09
CA ALA B 52 -20.17 -1.71 -7.19
C ALA B 52 -20.65 -0.98 -5.93
N LYS B 53 -21.10 -1.71 -4.92
N LYS B 53 -21.08 -1.74 -4.92
CA LYS B 53 -21.53 -1.08 -3.67
CA LYS B 53 -21.48 -1.18 -3.62
C LYS B 53 -20.31 -0.44 -3.00
C LYS B 53 -20.34 -0.41 -3.01
N ASP B 54 -20.49 0.76 -2.47
N ASP B 54 -20.63 0.56 -2.15
CA ASP B 54 -19.42 1.49 -1.79
CA ASP B 54 -19.57 1.31 -1.50
C ASP B 54 -18.95 0.71 -0.53
C ASP B 54 -18.95 0.50 -0.39
N PRO B 55 -17.62 0.41 -0.38
CA PRO B 55 -16.58 0.84 -1.31
C PRO B 55 -16.46 -0.13 -2.48
N ALA B 56 -16.45 0.43 -3.68
CA ALA B 56 -16.42 -0.37 -4.90
C ALA B 56 -15.10 -1.12 -5.02
N ILE B 57 -15.20 -2.34 -5.52
CA ILE B 57 -14.02 -3.14 -5.80
C ILE B 57 -13.42 -2.64 -7.11
N VAL B 58 -12.35 -3.28 -7.57
CA VAL B 58 -11.72 -2.80 -8.79
C VAL B 58 -12.60 -3.05 -10.04
N GLY B 59 -13.07 -4.28 -10.20
CA GLY B 59 -13.81 -4.62 -11.38
C GLY B 59 -14.42 -5.98 -11.38
N VAL B 60 -15.05 -6.30 -12.51
CA VAL B 60 -15.69 -7.57 -12.76
C VAL B 60 -15.15 -8.13 -14.07
N SER B 61 -14.97 -9.45 -14.11
CA SER B 61 -14.54 -10.17 -15.30
C SER B 61 -15.72 -10.91 -15.93
N VAL B 62 -15.95 -10.67 -17.20
CA VAL B 62 -17.00 -11.34 -17.95
C VAL B 62 -16.50 -11.71 -19.34
N ARG B 63 -17.18 -12.65 -20.00
CA ARG B 63 -16.89 -12.94 -21.40
C ARG B 63 -17.37 -11.74 -22.22
N PRO B 64 -16.78 -11.51 -23.41
CA PRO B 64 -17.12 -10.34 -24.22
C PRO B 64 -18.60 -10.17 -24.51
N ALA B 65 -19.36 -11.26 -24.53
CA ALA B 65 -20.81 -11.22 -24.75
C ALA B 65 -21.52 -10.23 -23.85
N PHE B 66 -21.13 -10.13 -22.58
CA PHE B 66 -21.86 -9.36 -21.60
C PHE B 66 -21.47 -7.91 -21.43
N VAL B 67 -20.47 -7.45 -22.16
CA VAL B 67 -19.97 -6.09 -21.97
C VAL B 67 -21.04 -5.04 -22.30
N ARG B 68 -21.74 -5.21 -23.42
N ARG B 68 -21.72 -5.24 -23.44
CA ARG B 68 -22.71 -4.19 -23.77
CA ARG B 68 -22.79 -4.33 -23.86
C ARG B 68 -23.93 -4.18 -22.83
C ARG B 68 -23.85 -4.20 -22.78
N PHE B 69 -24.33 -5.34 -22.31
CA PHE B 69 -25.36 -5.37 -21.28
C PHE B 69 -24.94 -4.52 -20.08
N ILE B 70 -23.73 -4.73 -19.58
CA ILE B 70 -23.28 -3.99 -18.39
C ILE B 70 -23.18 -2.50 -18.65
N ARG B 71 -22.58 -2.17 -19.78
CA ARG B 71 -22.27 -0.78 -20.06
C ARG B 71 -23.38 0.06 -20.67
N GLN B 72 -24.35 -0.58 -21.33
CA GLN B 72 -25.48 0.13 -21.94
C GLN B 72 -26.80 -0.01 -21.22
N GLU B 73 -27.03 -1.16 -20.62
CA GLU B 73 -28.33 -1.47 -20.05
C GLU B 73 -28.34 -1.47 -18.53
N LEU B 74 -27.44 -2.23 -17.93
CA LEU B 74 -27.39 -2.36 -16.47
C LEU B 74 -27.16 -1.01 -15.80
N VAL B 75 -26.38 -0.15 -16.45
CA VAL B 75 -26.07 1.17 -15.86
C VAL B 75 -27.34 1.99 -15.61
N LYS B 76 -28.39 1.76 -16.38
CA LYS B 76 -29.65 2.50 -16.16
C LYS B 76 -30.34 2.00 -14.88
N SER B 77 -30.26 0.71 -14.64
CA SER B 77 -30.84 0.08 -13.46
C SER B 77 -30.03 0.32 -12.21
N ALA B 78 -28.71 0.27 -12.37
CA ALA B 78 -27.74 0.33 -11.28
C ALA B 78 -26.58 1.25 -11.70
N PRO B 79 -26.77 2.58 -11.58
CA PRO B 79 -25.77 3.52 -12.06
C PRO B 79 -24.40 3.35 -11.44
N GLU B 80 -24.36 2.80 -10.24
CA GLU B 80 -23.11 2.54 -9.53
C GLU B 80 -22.14 1.62 -10.31
N VAL B 81 -22.65 0.80 -11.24
N VAL B 81 -22.65 0.81 -11.23
CA VAL B 81 -21.76 -0.09 -12.00
CA VAL B 81 -21.79 -0.09 -11.99
C VAL B 81 -20.82 0.67 -12.93
C VAL B 81 -20.86 0.66 -12.96
N ALA B 82 -21.12 1.94 -13.20
CA ALA B 82 -20.23 2.74 -14.02
C ALA B 82 -18.87 2.90 -13.28
N GLY B 83 -18.86 2.76 -11.95
CA GLY B 83 -17.68 2.97 -11.11
C GLY B 83 -16.81 1.77 -10.84
N ILE B 84 -17.08 0.66 -11.51
CA ILE B 84 -16.17 -0.49 -11.47
C ILE B 84 -15.68 -0.70 -12.89
N LYS B 85 -14.51 -1.30 -13.04
CA LYS B 85 -14.00 -1.66 -14.36
C LYS B 85 -14.68 -2.94 -14.83
N VAL B 86 -14.79 -3.05 -16.16
CA VAL B 86 -15.23 -4.27 -16.82
C VAL B 86 -14.03 -4.84 -17.58
N CYS B 87 -13.62 -6.03 -17.23
N CYS B 87 -13.66 -6.05 -17.21
CA CYS B 87 -12.51 -6.73 -17.86
CA CYS B 87 -12.57 -6.79 -17.80
C CYS B 87 -13.06 -7.90 -18.67
C CYS B 87 -13.18 -7.87 -18.70
N ALA B 88 -12.85 -7.84 -19.98
CA ALA B 88 -13.38 -8.83 -20.93
C ALA B 88 -12.39 -9.99 -21.09
N ALA B 89 -12.89 -11.20 -20.90
CA ALA B 89 -12.08 -12.42 -20.99
C ALA B 89 -12.08 -12.96 -22.41
N VAL B 90 -11.02 -12.67 -23.15
CA VAL B 90 -10.88 -13.09 -24.53
C VAL B 90 -10.12 -14.41 -24.65
N ASN B 91 -10.39 -15.14 -25.73
CA ASN B 91 -9.79 -16.48 -25.97
C ASN B 91 -10.25 -17.49 -24.90
N PHE B 92 -11.41 -17.21 -24.28
N PHE B 92 -11.46 -17.27 -24.41
CA PHE B 92 -12.01 -18.08 -23.24
CA PHE B 92 -11.99 -18.01 -23.29
C PHE B 92 -13.06 -18.99 -23.81
C PHE B 92 -13.13 -18.92 -23.75
N PRO B 93 -13.26 -20.14 -23.18
CA PRO B 93 -12.53 -20.71 -22.06
C PRO B 93 -11.37 -21.63 -22.44
N GLU B 94 -11.12 -21.84 -23.74
CA GLU B 94 -10.17 -22.87 -24.20
C GLU B 94 -8.76 -22.40 -24.56
N GLY B 95 -8.61 -21.14 -24.92
CA GLY B 95 -7.31 -20.60 -25.29
C GLY B 95 -6.83 -21.05 -26.66
N THR B 96 -7.74 -21.50 -27.51
CA THR B 96 -7.38 -22.09 -28.81
C THR B 96 -7.60 -21.23 -30.06
N GLY B 97 -7.96 -19.95 -29.88
CA GLY B 97 -8.16 -19.06 -31.01
C GLY B 97 -6.87 -18.64 -31.67
N THR B 98 -6.97 -17.95 -32.81
CA THR B 98 -5.77 -17.45 -33.47
C THR B 98 -5.54 -16.01 -33.01
N PRO B 99 -4.31 -15.49 -33.15
CA PRO B 99 -4.08 -14.09 -32.80
C PRO B 99 -5.09 -13.14 -33.48
N ASP B 100 -5.41 -13.38 -34.75
CA ASP B 100 -6.39 -12.53 -35.44
C ASP B 100 -7.78 -12.57 -34.80
N THR B 101 -8.30 -13.75 -34.50
CA THR B 101 -9.64 -13.83 -33.93
C THR B 101 -9.70 -13.27 -32.50
N VAL B 102 -8.68 -13.54 -31.70
CA VAL B 102 -8.64 -13.05 -30.33
C VAL B 102 -8.51 -11.51 -30.35
N SER B 103 -7.70 -10.99 -31.25
CA SER B 103 -7.58 -9.54 -31.42
C SER B 103 -8.98 -8.95 -31.72
N LEU B 104 -9.74 -9.58 -32.62
CA LEU B 104 -11.10 -9.12 -32.93
C LEU B 104 -12.02 -9.13 -31.73
N GLU B 105 -11.94 -10.17 -30.93
CA GLU B 105 -12.73 -10.23 -29.73
C GLU B 105 -12.41 -9.02 -28.87
N ALA B 106 -11.12 -8.71 -28.73
CA ALA B 106 -10.70 -7.59 -27.88
C ALA B 106 -11.18 -6.25 -28.43
N VAL B 107 -11.05 -6.08 -29.74
CA VAL B 107 -11.55 -4.86 -30.38
C VAL B 107 -13.02 -4.64 -30.05
N GLY B 108 -13.82 -5.69 -30.22
CA GLY B 108 -15.26 -5.60 -29.93
C GLY B 108 -15.57 -5.30 -28.47
N ALA B 109 -14.80 -5.91 -27.57
CA ALA B 109 -15.01 -5.73 -26.15
C ALA B 109 -14.72 -4.28 -25.75
N LEU B 110 -13.66 -3.72 -26.30
CA LEU B 110 -13.32 -2.35 -25.99
C LEU B 110 -14.37 -1.40 -26.58
N LYS B 111 -14.85 -1.70 -27.79
N LYS B 111 -14.86 -1.72 -27.78
CA LYS B 111 -15.92 -0.87 -28.39
CA LYS B 111 -15.89 -0.91 -28.44
C LYS B 111 -17.16 -0.92 -27.52
C LYS B 111 -17.22 -0.97 -27.66
N ASP B 112 -17.48 -2.10 -26.99
CA ASP B 112 -18.69 -2.30 -26.18
C ASP B 112 -18.57 -1.66 -24.80
N GLY B 113 -17.38 -1.17 -24.44
CA GLY B 113 -17.19 -0.49 -23.17
C GLY B 113 -16.27 -1.11 -22.13
N ALA B 114 -15.54 -2.16 -22.51
CA ALA B 114 -14.61 -2.80 -21.57
C ALA B 114 -13.43 -1.87 -21.27
N ASP B 115 -12.93 -1.93 -20.04
CA ASP B 115 -11.77 -1.13 -19.63
C ASP B 115 -10.44 -1.87 -19.70
N GLU B 116 -10.50 -3.19 -19.59
CA GLU B 116 -9.32 -4.04 -19.59
C GLU B 116 -9.64 -5.32 -20.34
N ILE B 117 -8.59 -6.05 -20.70
CA ILE B 117 -8.71 -7.34 -21.38
C ILE B 117 -7.89 -8.37 -20.63
N GLU B 118 -8.47 -9.54 -20.41
CA GLU B 118 -7.73 -10.68 -19.86
C GLU B 118 -7.73 -11.74 -20.96
N CYS B 119 -6.54 -12.15 -21.36
CA CYS B 119 -6.35 -13.06 -22.48
C CYS B 119 -5.76 -14.38 -22.05
N LEU B 120 -6.51 -15.47 -22.26
CA LEU B 120 -6.02 -16.80 -21.94
C LEU B 120 -5.10 -17.27 -23.04
N ILE B 121 -3.97 -17.87 -22.64
CA ILE B 121 -3.03 -18.41 -23.60
C ILE B 121 -3.44 -19.82 -24.06
N ASP B 122 -2.80 -20.29 -25.13
CA ASP B 122 -3.00 -21.68 -25.59
C ASP B 122 -2.09 -22.54 -24.72
N TRP B 123 -2.58 -22.79 -23.51
CA TRP B 123 -1.80 -23.49 -22.51
C TRP B 123 -1.50 -24.92 -22.93
N ARG B 124 -2.42 -25.53 -23.68
CA ARG B 124 -2.21 -26.91 -24.13
C ARG B 124 -0.98 -27.08 -25.00
N ARG B 125 -0.63 -26.04 -25.77
CA ARG B 125 0.55 -26.13 -26.63
C ARG B 125 1.84 -26.36 -25.86
N MET B 126 1.89 -25.93 -24.61
CA MET B 126 3.06 -26.12 -23.78
C MET B 126 3.29 -27.59 -23.44
N ASN B 127 2.23 -28.41 -23.56
CA ASN B 127 2.30 -29.86 -23.32
C ASN B 127 2.86 -30.62 -24.50
N GLU B 128 2.89 -29.98 -25.66
CA GLU B 128 3.34 -30.66 -26.88
C GLU B 128 4.77 -30.31 -27.23
N ASN B 129 5.03 -29.03 -27.38
CA ASN B 129 6.32 -28.51 -27.79
C ASN B 129 6.45 -27.19 -27.06
N VAL B 130 7.31 -27.14 -26.04
CA VAL B 130 7.45 -25.91 -25.22
C VAL B 130 7.92 -24.73 -26.06
N ALA B 131 8.94 -24.92 -26.89
CA ALA B 131 9.43 -23.82 -27.72
C ALA B 131 8.34 -23.22 -28.61
N ASP B 132 7.54 -24.08 -29.22
CA ASP B 132 6.45 -23.65 -30.07
C ASP B 132 5.36 -22.98 -29.25
N GLY B 133 5.08 -23.56 -28.09
CA GLY B 133 4.11 -22.98 -27.17
C GLY B 133 4.50 -21.58 -26.73
N GLU B 134 5.79 -21.37 -26.44
CA GLU B 134 6.31 -20.03 -26.10
C GLU B 134 6.15 -19.05 -27.27
N SER B 135 6.51 -19.50 -28.47
N SER B 135 6.51 -19.49 -28.47
CA SER B 135 6.38 -18.68 -29.67
CA SER B 135 6.37 -18.64 -29.65
C SER B 135 4.92 -18.23 -29.85
C SER B 135 4.91 -18.23 -29.90
N ARG B 136 3.99 -19.16 -29.70
CA ARG B 136 2.56 -18.86 -29.86
C ARG B 136 2.10 -17.82 -28.83
N ILE B 137 2.57 -17.94 -27.59
CA ILE B 137 2.22 -16.99 -26.55
C ILE B 137 2.71 -15.59 -26.93
N ARG B 138 3.97 -15.48 -27.36
N ARG B 138 3.97 -15.48 -27.35
CA ARG B 138 4.52 -14.19 -27.70
CA ARG B 138 4.52 -14.18 -27.72
C ARG B 138 3.73 -13.53 -28.84
C ARG B 138 3.69 -13.53 -28.82
N LEU B 139 3.33 -14.32 -29.83
CA LEU B 139 2.57 -13.82 -30.96
C LEU B 139 1.17 -13.38 -30.54
N LEU B 140 0.49 -14.23 -29.77
CA LEU B 140 -0.85 -13.93 -29.33
C LEU B 140 -0.87 -12.64 -28.51
N VAL B 141 -0.02 -12.59 -27.49
CA VAL B 141 -0.01 -11.46 -26.59
C VAL B 141 0.39 -10.18 -27.31
N SER B 142 1.40 -10.23 -28.18
CA SER B 142 1.83 -9.03 -28.88
C SER B 142 0.74 -8.54 -29.84
N GLU B 143 0.05 -9.47 -30.49
CA GLU B 143 -1.05 -9.09 -31.38
C GLU B 143 -2.19 -8.41 -30.65
N VAL B 144 -2.59 -8.99 -29.54
CA VAL B 144 -3.69 -8.42 -28.78
C VAL B 144 -3.29 -7.06 -28.18
N LYS B 145 -2.05 -6.93 -27.72
CA LYS B 145 -1.61 -5.66 -27.15
C LYS B 145 -1.73 -4.54 -28.16
N LYS B 146 -1.56 -4.83 -29.44
CA LYS B 146 -1.70 -3.77 -30.46
C LYS B 146 -3.09 -3.14 -30.48
N VAL B 147 -4.14 -3.92 -30.16
CA VAL B 147 -5.49 -3.34 -30.19
C VAL B 147 -5.92 -2.77 -28.82
N VAL B 148 -5.22 -3.17 -27.78
CA VAL B 148 -5.53 -2.72 -26.42
C VAL B 148 -4.93 -1.32 -26.16
N GLY B 149 -3.90 -0.94 -26.93
CA GLY B 149 -3.30 0.36 -26.79
C GLY B 149 -2.81 0.55 -25.36
N PRO B 150 -3.04 1.74 -24.82
CA PRO B 150 -2.56 1.98 -23.46
C PRO B 150 -3.38 1.34 -22.34
N LYS B 151 -4.50 0.69 -22.66
CA LYS B 151 -5.27 -0.02 -21.64
C LYS B 151 -4.53 -1.26 -21.21
N THR B 152 -4.99 -1.82 -20.10
CA THR B 152 -4.32 -2.95 -19.48
C THR B 152 -4.68 -4.30 -20.10
N LEU B 153 -3.63 -5.05 -20.48
CA LEU B 153 -3.77 -6.43 -20.97
C LEU B 153 -3.21 -7.39 -19.92
N LYS B 154 -4.10 -8.17 -19.33
CA LYS B 154 -3.72 -9.23 -18.39
C LYS B 154 -3.63 -10.53 -19.17
N VAL B 155 -2.57 -11.30 -18.96
CA VAL B 155 -2.40 -12.56 -19.66
C VAL B 155 -2.55 -13.70 -18.64
N VAL B 156 -3.49 -14.58 -18.94
CA VAL B 156 -3.85 -15.68 -18.04
C VAL B 156 -3.03 -16.91 -18.41
N LEU B 157 -2.25 -17.42 -17.46
CA LEU B 157 -1.24 -18.43 -17.75
C LEU B 157 -1.72 -19.88 -17.62
N SER B 158 -2.87 -20.09 -17.00
CA SER B 158 -3.40 -21.44 -16.81
C SER B 158 -4.89 -21.40 -17.08
N GLY B 159 -5.41 -22.56 -17.49
N GLY B 159 -5.40 -22.41 -17.78
CA GLY B 159 -6.82 -22.74 -17.79
CA GLY B 159 -6.80 -22.39 -18.21
C GLY B 159 -7.45 -23.91 -17.05
C GLY B 159 -7.56 -23.62 -17.78
N GLY B 160 -7.90 -24.89 -17.84
N GLY B 160 -7.23 -24.11 -16.59
CA GLY B 160 -8.64 -26.02 -17.30
CA GLY B 160 -7.91 -25.28 -16.10
C GLY B 160 -7.87 -27.15 -16.65
C GLY B 160 -6.93 -26.34 -15.65
N GLU B 161 -6.54 -27.09 -16.69
N GLU B 161 -6.52 -27.19 -16.57
CA GLU B 161 -5.75 -28.16 -16.07
CA GLU B 161 -5.63 -28.28 -16.23
C GLU B 161 -4.48 -27.71 -15.35
C GLU B 161 -4.38 -27.79 -15.48
N LEU B 162 -3.96 -28.57 -14.49
CA LEU B 162 -2.76 -28.26 -13.74
C LEU B 162 -1.55 -28.63 -14.59
N GLN B 163 -0.64 -27.68 -14.75
CA GLN B 163 0.61 -27.91 -15.45
C GLN B 163 1.78 -27.64 -14.47
N GLY B 164 2.91 -28.27 -14.77
CA GLY B 164 4.10 -28.14 -13.95
C GLY B 164 4.71 -26.75 -13.86
N GLY B 165 5.51 -26.58 -12.81
CA GLY B 165 6.20 -25.30 -12.60
C GLY B 165 7.05 -24.81 -13.76
N ASP B 166 7.78 -25.71 -14.41
CA ASP B 166 8.62 -25.28 -15.51
C ASP B 166 7.80 -24.69 -16.65
N ILE B 167 6.65 -25.29 -16.95
CA ILE B 167 5.75 -24.79 -17.99
C ILE B 167 5.19 -23.42 -17.61
N ILE B 168 4.72 -23.28 -16.37
CA ILE B 168 4.19 -22.00 -15.91
C ILE B 168 5.25 -20.89 -15.99
N SER B 169 6.47 -21.19 -15.55
CA SER B 169 7.56 -20.23 -15.62
C SER B 169 7.81 -19.78 -17.05
N ARG B 170 7.91 -20.75 -17.97
N ARG B 170 7.92 -20.76 -17.97
CA ARG B 170 8.16 -20.43 -19.36
CA ARG B 170 8.16 -20.42 -19.37
C ARG B 170 7.00 -19.66 -20.00
C ARG B 170 7.00 -19.63 -19.97
N ALA B 171 5.78 -19.98 -19.62
CA ALA B 171 4.60 -19.24 -20.10
C ALA B 171 4.65 -17.80 -19.61
N ALA B 172 5.02 -17.62 -18.34
CA ALA B 172 5.17 -16.29 -17.75
C ALA B 172 6.16 -15.44 -18.52
N VAL B 173 7.36 -15.99 -18.75
CA VAL B 173 8.38 -15.25 -19.47
C VAL B 173 7.92 -14.89 -20.88
N ALA B 174 7.31 -15.85 -21.59
CA ALA B 174 6.84 -15.58 -22.95
C ALA B 174 5.78 -14.47 -22.96
N ALA B 175 4.87 -14.51 -21.99
CA ALA B 175 3.83 -13.48 -21.88
C ALA B 175 4.42 -12.10 -21.64
N LEU B 176 5.43 -12.04 -20.78
CA LEU B 176 6.10 -10.76 -20.53
C LEU B 176 6.80 -10.28 -21.79
N GLU B 177 7.52 -11.18 -22.47
CA GLU B 177 8.18 -10.81 -23.72
C GLU B 177 7.18 -10.31 -24.78
N GLY B 178 5.99 -10.89 -24.81
CA GLY B 178 4.95 -10.47 -25.74
C GLY B 178 4.30 -9.15 -25.42
N GLY B 179 4.55 -8.60 -24.23
CA GLY B 179 3.96 -7.30 -23.84
C GLY B 179 2.89 -7.29 -22.78
N ALA B 180 2.73 -8.37 -22.02
CA ALA B 180 1.74 -8.41 -20.94
C ALA B 180 1.92 -7.24 -19.99
N ASP B 181 0.80 -6.60 -19.62
CA ASP B 181 0.83 -5.59 -18.54
C ASP B 181 0.59 -6.24 -17.14
N PHE B 182 0.03 -7.44 -17.10
CA PHE B 182 -0.25 -8.20 -15.90
C PHE B 182 -0.10 -9.68 -16.22
N LEU B 183 0.38 -10.44 -15.24
CA LEU B 183 0.38 -11.91 -15.32
C LEU B 183 -0.66 -12.40 -14.33
N GLN B 184 -1.62 -13.18 -14.84
CA GLN B 184 -2.70 -13.70 -14.03
C GLN B 184 -2.50 -15.20 -13.91
N THR B 185 -2.65 -15.69 -12.69
CA THR B 185 -2.34 -17.08 -12.40
C THR B 185 -3.22 -18.09 -13.11
N SER B 186 -4.49 -17.75 -13.26
CA SER B 186 -5.48 -18.76 -13.59
C SER B 186 -6.76 -18.08 -14.00
N SER B 187 -7.53 -18.82 -14.78
CA SER B 187 -8.68 -18.30 -15.45
C SER B 187 -9.90 -18.04 -14.60
N GLY B 188 -10.05 -18.79 -13.48
CA GLY B 188 -11.23 -18.72 -12.63
C GLY B 188 -12.21 -19.86 -12.91
N LEU B 189 -12.01 -20.58 -14.01
CA LEU B 189 -12.84 -21.73 -14.36
C LEU B 189 -12.10 -23.00 -14.03
N GLY B 190 -12.85 -24.07 -13.83
CA GLY B 190 -12.24 -25.35 -13.48
C GLY B 190 -11.77 -25.37 -12.02
N ALA B 191 -10.90 -26.33 -11.69
CA ALA B 191 -10.47 -26.55 -10.30
C ALA B 191 -9.08 -26.03 -9.97
N THR B 192 -8.35 -25.56 -10.99
CA THR B 192 -6.97 -25.13 -10.81
C THR B 192 -6.89 -23.64 -10.65
N HIS B 193 -6.37 -23.18 -9.50
CA HIS B 193 -6.20 -21.75 -9.23
C HIS B 193 -4.81 -21.51 -8.68
N ALA B 194 -4.55 -20.28 -8.25
CA ALA B 194 -3.26 -19.92 -7.72
C ALA B 194 -2.86 -20.82 -6.58
N THR B 195 -1.58 -21.15 -6.51
CA THR B 195 -1.03 -21.79 -5.33
C THR B 195 0.20 -20.99 -4.90
N MET B 196 0.68 -21.23 -3.68
CA MET B 196 1.88 -20.59 -3.21
C MET B 196 3.01 -20.84 -4.21
N PHE B 197 3.08 -22.06 -4.72
CA PHE B 197 4.10 -22.45 -5.67
C PHE B 197 4.04 -21.64 -6.97
N THR B 198 2.84 -21.51 -7.56
CA THR B 198 2.79 -20.76 -8.82
C THR B 198 2.95 -19.26 -8.63
N VAL B 199 2.48 -18.71 -7.51
CA VAL B 199 2.68 -17.27 -7.24
C VAL B 199 4.18 -17.00 -7.08
N HIS B 200 4.89 -17.93 -6.44
CA HIS B 200 6.34 -17.79 -6.28
C HIS B 200 7.04 -17.80 -7.63
N LEU B 201 6.68 -18.76 -8.48
CA LEU B 201 7.31 -18.85 -9.79
C LEU B 201 7.02 -17.64 -10.68
N ILE B 202 5.79 -17.17 -10.65
CA ILE B 202 5.40 -16.00 -11.43
C ILE B 202 6.17 -14.76 -10.93
N SER B 203 6.31 -14.63 -9.61
CA SER B 203 7.05 -13.51 -9.04
C SER B 203 8.51 -13.53 -9.48
N ILE B 204 9.12 -14.71 -9.50
CA ILE B 204 10.52 -14.85 -9.94
C ILE B 204 10.63 -14.45 -11.39
N ALA B 205 9.72 -14.94 -12.23
CA ALA B 205 9.78 -14.60 -13.64
C ALA B 205 9.72 -13.08 -13.84
N LEU B 206 8.76 -12.44 -13.18
CA LEU B 206 8.63 -11.01 -13.32
C LEU B 206 9.87 -10.27 -12.80
N ARG B 207 10.36 -10.68 -11.64
CA ARG B 207 11.51 -10.03 -11.04
C ARG B 207 12.71 -10.07 -11.98
N GLU B 208 12.96 -11.26 -12.54
CA GLU B 208 14.09 -11.45 -13.48
C GLU B 208 13.92 -10.65 -14.77
N TYR B 209 12.68 -10.57 -15.27
CA TYR B 209 12.38 -9.80 -16.48
C TYR B 209 12.65 -8.30 -16.26
N MET B 210 12.31 -7.80 -15.07
N MET B 210 12.32 -7.80 -15.08
CA MET B 210 12.52 -6.39 -14.75
CA MET B 210 12.54 -6.40 -14.73
C MET B 210 14.02 -6.05 -14.62
C MET B 210 14.01 -6.04 -14.55
N VAL B 211 14.84 -7.02 -14.21
CA VAL B 211 16.32 -6.83 -14.06
C VAL B 211 16.98 -6.74 -15.42
N ARG B 212 16.56 -7.61 -16.34
CA ARG B 212 17.06 -7.58 -17.71
C ARG B 212 16.59 -6.32 -18.44
N GLU B 213 15.45 -5.80 -18.01
CA GLU B 213 14.82 -4.61 -18.59
C GLU B 213 15.59 -3.35 -18.22
N ARG B 230 8.41 -0.98 -18.05
CA ARG B 230 7.02 -0.65 -17.81
C ARG B 230 6.51 -1.25 -16.48
N CYS B 231 5.40 -0.70 -15.99
CA CYS B 231 4.76 -1.18 -14.77
C CYS B 231 3.99 -2.48 -15.03
N ILE B 232 4.38 -3.58 -14.37
CA ILE B 232 3.76 -4.90 -14.61
C ILE B 232 3.21 -5.51 -13.34
N GLY B 233 1.96 -5.93 -13.41
CA GLY B 233 1.30 -6.48 -12.26
C GLY B 233 1.16 -7.98 -12.23
N ILE B 234 0.78 -8.46 -11.05
CA ILE B 234 0.42 -9.86 -10.81
C ILE B 234 -1.01 -9.89 -10.27
N LYS B 235 -1.84 -10.69 -10.94
CA LYS B 235 -3.19 -10.96 -10.46
C LYS B 235 -3.25 -12.38 -9.94
N ILE B 236 -3.53 -12.53 -8.64
CA ILE B 236 -3.67 -13.83 -7.97
C ILE B 236 -5.16 -14.20 -7.98
N GLU B 237 -5.49 -15.22 -8.77
CA GLU B 237 -6.87 -15.67 -8.95
C GLU B 237 -7.00 -16.91 -8.04
N VAL B 238 -7.85 -16.79 -7.04
CA VAL B 238 -7.93 -17.76 -5.94
C VAL B 238 -9.07 -18.75 -5.99
N GLY B 239 -9.94 -18.65 -6.98
CA GLY B 239 -11.05 -19.59 -7.11
C GLY B 239 -12.14 -19.26 -6.14
N ASP B 240 -12.67 -20.30 -5.50
CA ASP B 240 -13.77 -20.17 -4.54
C ASP B 240 -13.36 -20.30 -3.08
N VAL B 241 -12.08 -20.06 -2.77
CA VAL B 241 -11.61 -20.13 -1.37
C VAL B 241 -12.15 -18.95 -0.52
N HIS B 242 -12.04 -19.08 0.81
CA HIS B 242 -12.53 -18.09 1.78
C HIS B 242 -11.51 -16.99 2.07
N MET B 243 -11.91 -16.04 2.90
CA MET B 243 -11.07 -14.91 3.20
C MET B 243 -9.73 -15.29 3.84
N ALA B 244 -9.70 -16.25 4.74
CA ALA B 244 -8.44 -16.60 5.41
C ALA B 244 -7.37 -17.04 4.41
N GLU B 245 -7.75 -17.92 3.49
N GLU B 245 -7.79 -17.92 3.49
CA GLU B 245 -6.78 -18.38 2.51
CA GLU B 245 -6.92 -18.43 2.45
C GLU B 245 -6.40 -17.24 1.57
C GLU B 245 -6.48 -17.35 1.48
N THR B 246 -7.35 -16.35 1.28
CA THR B 246 -7.06 -15.25 0.38
C THR B 246 -6.02 -14.34 1.06
N ALA B 247 -6.19 -14.13 2.35
CA ALA B 247 -5.26 -13.32 3.13
C ALA B 247 -3.83 -13.87 3.07
N ASP B 248 -3.68 -15.19 3.02
N ASP B 248 -3.73 -15.22 3.01
CA ASP B 248 -2.32 -15.72 2.93
CA ASP B 248 -2.44 -15.93 2.86
C ASP B 248 -1.66 -15.30 1.61
C ASP B 248 -1.69 -15.44 1.62
N PHE B 249 -2.42 -15.28 0.52
CA PHE B 249 -1.87 -14.85 -0.76
C PHE B 249 -1.45 -13.40 -0.67
N LEU B 250 -2.21 -12.58 0.03
CA LEU B 250 -1.85 -11.20 0.24
C LEU B 250 -0.47 -11.12 0.93
N MET B 251 -0.30 -11.90 1.98
CA MET B 251 0.98 -12.00 2.68
C MET B 251 2.11 -12.50 1.76
N GLN B 252 1.81 -13.50 0.92
N GLN B 252 1.82 -13.49 0.91
CA GLN B 252 2.80 -13.98 -0.05
CA GLN B 252 2.83 -13.97 -0.03
C GLN B 252 3.26 -12.86 -0.96
C GLN B 252 3.26 -12.90 -1.03
N MET B 253 2.31 -12.09 -1.48
CA MET B 253 2.62 -11.02 -2.41
C MET B 253 3.58 -10.02 -1.78
N ILE B 254 3.31 -9.62 -0.54
CA ILE B 254 4.19 -8.67 0.14
C ILE B 254 5.56 -9.26 0.40
N PHE B 255 5.60 -10.54 0.79
CA PHE B 255 6.87 -11.23 1.03
C PHE B 255 7.72 -11.33 -0.25
N GLU B 256 7.09 -11.73 -1.36
CA GLU B 256 7.82 -11.86 -2.61
C GLU B 256 8.20 -10.56 -3.28
N ASN B 257 7.23 -9.63 -3.29
CA ASN B 257 7.34 -8.44 -4.14
C ASN B 257 7.36 -7.11 -3.42
N GLY B 258 7.25 -7.16 -2.09
CA GLY B 258 7.41 -5.98 -1.25
C GLY B 258 6.12 -5.19 -1.08
N PRO B 259 6.06 -4.38 -0.01
CA PRO B 259 4.88 -3.55 0.20
C PRO B 259 4.54 -2.61 -0.96
N ARG B 260 5.56 -2.15 -1.67
CA ARG B 260 5.31 -1.25 -2.80
C ARG B 260 4.54 -1.91 -3.93
N SER B 261 4.44 -3.24 -3.91
CA SER B 261 3.70 -3.92 -4.97
C SER B 261 2.19 -3.97 -4.66
N ILE B 262 1.80 -3.59 -3.45
CA ILE B 262 0.41 -3.65 -3.05
C ILE B 262 -0.28 -2.34 -3.41
N VAL B 263 -0.43 -2.14 -4.71
CA VAL B 263 -1.05 -0.96 -5.32
C VAL B 263 -1.81 -1.48 -6.55
N ARG B 264 -2.88 -0.80 -6.94
CA ARG B 264 -3.72 -1.34 -8.02
C ARG B 264 -3.01 -1.54 -9.35
N ASP B 265 -2.00 -0.73 -9.67
CA ASP B 265 -1.28 -0.90 -10.92
C ASP B 265 -0.38 -2.12 -10.94
N LYS B 266 -0.16 -2.75 -9.78
CA LYS B 266 0.76 -3.88 -9.70
C LYS B 266 0.15 -5.14 -9.10
N PHE B 267 -1.10 -5.07 -8.62
CA PHE B 267 -1.69 -6.18 -7.88
C PHE B 267 -3.20 -6.19 -7.98
N ARG B 268 -3.74 -7.38 -8.21
CA ARG B 268 -5.17 -7.63 -8.14
C ARG B 268 -5.40 -9.01 -7.55
N VAL B 269 -6.54 -9.19 -6.90
CA VAL B 269 -7.00 -10.46 -6.37
C VAL B 269 -8.27 -10.82 -7.11
N GLY B 270 -8.29 -11.95 -7.79
CA GLY B 270 -9.47 -12.46 -8.48
C GLY B 270 -10.15 -13.53 -7.66
N GLY B 271 -11.44 -13.39 -7.45
CA GLY B 271 -12.19 -14.38 -6.71
C GLY B 271 -13.64 -14.39 -7.09
N GLY B 272 -14.36 -15.25 -6.39
CA GLY B 272 -15.77 -15.47 -6.61
C GLY B 272 -16.71 -14.56 -5.85
N PHE B 273 -17.97 -14.70 -6.19
CA PHE B 273 -19.06 -13.92 -5.59
C PHE B 273 -19.20 -14.21 -4.09
N ASN B 274 -19.12 -15.46 -3.68
CA ASN B 274 -19.24 -15.78 -2.26
C ASN B 274 -18.10 -15.17 -1.45
N LEU B 275 -16.90 -15.16 -2.01
CA LEU B 275 -15.76 -14.53 -1.34
C LEU B 275 -16.02 -13.03 -1.22
N LEU B 276 -16.44 -12.39 -2.31
CA LEU B 276 -16.77 -10.98 -2.25
C LEU B 276 -17.80 -10.68 -1.13
N LYS B 277 -18.85 -11.48 -1.03
CA LYS B 277 -19.85 -11.28 0.01
C LYS B 277 -19.25 -11.44 1.41
N GLU B 278 -18.33 -12.39 1.57
CA GLU B 278 -17.67 -12.56 2.87
C GLU B 278 -16.85 -11.32 3.23
N LEU B 279 -16.10 -10.80 2.26
CA LEU B 279 -15.29 -9.61 2.49
C LEU B 279 -16.17 -8.44 2.92
N ARG B 280 -17.29 -8.25 2.24
CA ARG B 280 -18.18 -7.13 2.56
C ARG B 280 -18.82 -7.29 3.92
N ASP B 281 -19.29 -8.50 4.22
CA ASP B 281 -19.87 -8.76 5.53
C ASP B 281 -18.89 -8.38 6.63
N CYS B 282 -17.62 -8.74 6.43
CA CYS B 282 -16.63 -8.44 7.44
C CYS B 282 -16.37 -6.95 7.56
N TYR B 283 -16.09 -6.30 6.44
CA TYR B 283 -15.84 -4.87 6.48
C TYR B 283 -17.02 -4.08 7.06
N GLU B 284 -18.24 -4.46 6.69
CA GLU B 284 -19.44 -3.77 7.17
C GLU B 284 -19.64 -3.85 8.68
N SER B 285 -18.98 -4.79 9.33
CA SER B 285 -19.07 -4.91 10.79
C SER B 285 -18.21 -3.86 11.52
N TRP B 286 -17.35 -3.15 10.79
CA TRP B 286 -16.52 -2.12 11.39
C TRP B 286 -17.39 -0.87 11.62
N ASP B 287 -17.30 -0.32 12.83
CA ASP B 287 -18.09 0.84 13.22
C ASP B 287 -17.43 2.10 12.64
#